data_8A2K
#
_entry.id   8A2K
#
_cell.length_a   93.902
_cell.length_b   117.256
_cell.length_c   35.884
_cell.angle_alpha   90.000
_cell.angle_beta   90.000
_cell.angle_gamma   90.000
#
_symmetry.space_group_name_H-M   'P 21 21 2'
#
loop_
_entity.id
_entity.type
_entity.pdbx_description
1 polymer 'Stimulator of interferon genes protein'
2 non-polymer 2-azanyl-9-[(1~{R},6~{R},8~{R},9~{R},10~{S},15~{R},17~{R},18~{R})-8-[4-azanyl-5-[4-(naphthalen-1-yloxymethyl)phenyl]pyrrolo[2,3-d]pyrimidin-7-yl]-3,9,12,18-tetrakis(oxidanyl)-3,12-bis(oxidanylidene)-2,4,7,11,13,16-hexaoxa-3$l^{5},12$l^{5}-diphosphatricyclo[13.2.1.0^{6,10}]octadecan-17-yl]-3~{H}-purin-6-one
3 water water
#
_entity_poly.entity_id   1
_entity_poly.type   'polypeptide(L)'
_entity_poly.pdbx_seq_one_letter_code
;SAPAEISAVCEKGNFNVAHGLAWSYYIGYLRLILPELQARIRTYNQHYNNLLRGAVSQRLYILLPLDCGVPDNLSMADPN
IRFLDKLPQQTGDRAGIKDRVYSNSIYELLENGQRAGTCVLEYATPLQTLFAMSQYSQAGFSREDRLEQAKLFCRTLEDI
LADAPESQNNCRLIAYQEPADDSSFSLSQEVLRHLRQEEKEEVTVGSLKTSAVPSTSTMSQEPELLISGMEKPLPLRTDF
S
;
_entity_poly.pdbx_strand_id   A,B
#
loop_
_chem_comp.id
_chem_comp.type
_chem_comp.name
_chem_comp.formula
KXD non-polymer 2-azanyl-9-[(1~{R},6~{R},8~{R},9~{R},10~{S},15~{R},17~{R},18~{R})-8-[4-azanyl-5-[4-(naphthalen-1-yloxymethyl)phenyl]pyrrolo[2,3-d]pyrimidin-7-yl]-3,9,12,18-tetrakis(oxidanyl)-3,12-bis(oxidanylidene)-2,4,7,11,13,16-hexaoxa-3$l^{5},12$l^{5}-diphosphatricyclo[13.2.1.0^{6,10}]octadecan-17-yl]-3~{H}-purin-6-one 'C38 H37 N9 O14 P2'
#
# COMPACT_ATOMS: atom_id res chain seq x y z
N VAL A 9 11.28 26.90 2.04
CA VAL A 9 12.02 25.81 2.66
C VAL A 9 11.08 24.70 3.10
N CYS A 10 10.00 25.07 3.80
CA CYS A 10 9.01 24.10 4.20
C CYS A 10 8.32 23.48 2.99
N GLU A 11 8.26 24.21 1.87
CA GLU A 11 7.63 23.67 0.66
C GLU A 11 8.46 22.54 0.07
N LYS A 12 9.80 22.65 0.15
CA LYS A 12 10.66 21.56 -0.28
C LYS A 12 10.33 20.27 0.46
N GLY A 13 9.84 20.37 1.70
CA GLY A 13 9.44 19.18 2.43
C GLY A 13 8.08 18.67 2.00
N ASN A 14 7.13 19.58 1.73
CA ASN A 14 5.86 19.17 1.14
C ASN A 14 6.11 18.41 -0.16
N PHE A 15 7.04 18.89 -0.98
CA PHE A 15 7.36 18.22 -2.24
C PHE A 15 7.91 16.83 -1.98
N ASN A 16 8.89 16.72 -1.07
CA ASN A 16 9.55 15.43 -0.88
C ASN A 16 8.58 14.39 -0.33
N VAL A 17 7.70 14.78 0.58
CA VAL A 17 6.72 13.85 1.13
C VAL A 17 5.78 13.36 0.04
N ALA A 18 5.20 14.29 -0.71
CA ALA A 18 4.25 13.92 -1.77
C ALA A 18 4.93 13.12 -2.87
N HIS A 19 6.14 13.55 -3.25
CA HIS A 19 6.97 12.84 -4.21
C HIS A 19 7.14 11.37 -3.84
N GLY A 20 7.54 11.12 -2.59
CA GLY A 20 7.79 9.74 -2.19
C GLY A 20 6.53 8.90 -2.18
N LEU A 21 5.40 9.50 -1.80
CA LEU A 21 4.17 8.74 -1.71
C LEU A 21 3.62 8.40 -3.09
N ALA A 22 3.72 9.33 -4.05
CA ALA A 22 3.26 9.04 -5.41
C ALA A 22 4.09 7.94 -6.04
N TRP A 23 5.41 8.01 -5.87
CA TRP A 23 6.27 6.91 -6.32
C TRP A 23 5.91 5.59 -5.65
N SER A 24 5.63 5.60 -4.35
CA SER A 24 5.27 4.34 -3.70
C SER A 24 3.98 3.77 -4.28
N TYR A 25 3.04 4.65 -4.61
CA TYR A 25 1.77 4.22 -5.19
C TYR A 25 1.97 3.63 -6.58
N TYR A 26 2.90 4.19 -7.36
CA TYR A 26 3.25 3.60 -8.64
C TYR A 26 4.02 2.30 -8.45
N ILE A 27 5.10 2.35 -7.66
CA ILE A 27 6.01 1.20 -7.53
C ILE A 27 5.31 0.02 -6.87
N GLY A 28 4.58 0.28 -5.77
CA GLY A 28 3.97 -0.81 -5.03
C GLY A 28 2.56 -1.19 -5.41
N TYR A 29 1.96 -0.56 -6.42
CA TYR A 29 0.58 -0.89 -6.74
C TYR A 29 0.29 -0.76 -8.23
N LEU A 30 0.36 0.46 -8.77
CA LEU A 30 -0.13 0.69 -10.13
C LEU A 30 0.73 -0.03 -11.17
N ARG A 31 2.05 -0.01 -11.02
CA ARG A 31 2.87 -0.73 -12.00
C ARG A 31 2.68 -2.24 -11.94
N LEU A 32 2.10 -2.75 -10.85
CA LEU A 32 1.86 -4.18 -10.72
C LEU A 32 0.48 -4.62 -11.19
N ILE A 33 -0.55 -3.76 -11.07
CA ILE A 33 -1.90 -4.18 -11.43
C ILE A 33 -2.35 -3.63 -12.78
N LEU A 34 -1.80 -2.49 -13.20
CA LEU A 34 -2.23 -1.91 -14.47
C LEU A 34 -1.93 -2.78 -15.70
N PRO A 35 -0.79 -3.48 -15.82
CA PRO A 35 -0.59 -4.29 -17.03
C PRO A 35 -1.66 -5.35 -17.25
N GLU A 36 -2.21 -5.93 -16.19
CA GLU A 36 -3.19 -7.00 -16.33
C GLU A 36 -4.62 -6.55 -16.09
N LEU A 37 -4.84 -5.25 -15.85
CA LEU A 37 -6.17 -4.77 -15.51
C LEU A 37 -7.18 -5.02 -16.63
N GLN A 38 -6.83 -4.62 -17.85
CA GLN A 38 -7.77 -4.71 -18.96
C GLN A 38 -8.09 -6.16 -19.33
N ALA A 39 -7.16 -7.08 -19.07
CA ALA A 39 -7.47 -8.49 -19.20
C ALA A 39 -8.51 -8.91 -18.16
N ARG A 40 -8.33 -8.45 -16.92
CA ARG A 40 -9.28 -8.80 -15.86
C ARG A 40 -10.65 -8.20 -16.15
N ILE A 41 -10.69 -6.96 -16.66
CA ILE A 41 -11.97 -6.34 -16.99
C ILE A 41 -12.63 -7.03 -18.17
N ARG A 42 -11.87 -7.28 -19.25
CA ARG A 42 -12.40 -8.00 -20.40
C ARG A 42 -12.97 -9.35 -19.97
N THR A 43 -12.15 -10.14 -19.27
CA THR A 43 -12.61 -11.43 -18.75
C THR A 43 -13.92 -11.30 -18.00
N TYR A 44 -14.01 -10.29 -17.13
CA TYR A 44 -15.22 -10.13 -16.32
C TYR A 44 -16.43 -9.83 -17.20
N ASN A 45 -16.26 -8.93 -18.17
CA ASN A 45 -17.37 -8.56 -19.03
C ASN A 45 -17.81 -9.75 -19.88
N GLN A 46 -16.85 -10.51 -20.39
CA GLN A 46 -17.18 -11.58 -21.33
C GLN A 46 -17.88 -12.73 -20.62
N HIS A 47 -17.47 -13.05 -19.41
CA HIS A 47 -17.96 -14.25 -18.72
C HIS A 47 -19.04 -13.97 -17.70
N TYR A 48 -19.03 -12.80 -17.06
CA TYR A 48 -19.87 -12.58 -15.88
C TYR A 48 -20.83 -11.41 -16.04
N ASN A 49 -20.77 -10.64 -17.13
CA ASN A 49 -21.50 -9.37 -17.23
C ASN A 49 -21.85 -9.13 -18.69
N ASN A 50 -22.85 -9.85 -19.18
CA ASN A 50 -23.31 -9.71 -20.55
C ASN A 50 -24.37 -8.63 -20.72
N LEU A 51 -24.31 -7.57 -19.92
CA LEU A 51 -25.28 -6.49 -19.96
C LEU A 51 -24.84 -5.45 -21.00
N LEU A 52 -25.61 -5.32 -22.08
CA LEU A 52 -25.17 -4.55 -23.25
C LEU A 52 -25.05 -3.05 -22.97
N ARG A 53 -25.71 -2.55 -21.94
CA ARG A 53 -25.51 -1.18 -21.49
C ARG A 53 -24.91 -1.15 -20.09
N GLY A 54 -24.21 -2.21 -19.69
CA GLY A 54 -23.65 -2.28 -18.36
C GLY A 54 -22.22 -2.80 -18.33
N ALA A 55 -21.52 -2.72 -19.46
CA ALA A 55 -20.14 -3.19 -19.52
C ALA A 55 -19.29 -2.40 -18.54
N VAL A 56 -18.41 -3.10 -17.81
CA VAL A 56 -17.43 -2.41 -16.99
C VAL A 56 -16.45 -1.67 -17.89
N SER A 57 -16.25 -0.39 -17.61
CA SER A 57 -15.30 0.41 -18.36
C SER A 57 -13.89 -0.14 -18.21
N GLN A 58 -13.04 0.15 -19.19
CA GLN A 58 -11.74 -0.49 -19.33
C GLN A 58 -10.62 0.23 -18.59
N ARG A 59 -10.92 1.24 -17.76
CA ARG A 59 -9.89 1.96 -17.03
C ARG A 59 -10.14 1.91 -15.53
N LEU A 60 -9.04 1.93 -14.77
CA LEU A 60 -9.10 2.13 -13.34
C LEU A 60 -9.34 3.62 -13.07
N TYR A 61 -10.45 3.94 -12.40
CA TYR A 61 -10.77 5.30 -12.03
C TYR A 61 -10.35 5.54 -10.58
N ILE A 62 -9.43 6.49 -10.39
CA ILE A 62 -8.80 6.77 -9.11
C ILE A 62 -9.25 8.14 -8.62
N LEU A 63 -9.91 8.15 -7.46
CA LEU A 63 -10.45 9.37 -6.90
C LEU A 63 -9.40 10.10 -6.08
N LEU A 64 -9.19 11.38 -6.38
CA LEU A 64 -8.23 12.22 -5.67
C LEU A 64 -8.94 13.44 -5.10
N PRO A 65 -9.68 13.30 -4.00
CA PRO A 65 -10.24 14.48 -3.34
C PRO A 65 -9.11 15.34 -2.79
N LEU A 66 -9.11 16.62 -3.14
CA LEU A 66 -7.93 17.42 -2.85
C LEU A 66 -7.79 17.77 -1.37
N ASP A 67 -8.84 17.58 -0.55
CA ASP A 67 -8.69 17.73 0.90
C ASP A 67 -8.32 16.42 1.57
N CYS A 68 -8.08 15.36 0.80
CA CYS A 68 -7.63 14.06 1.31
C CYS A 68 -8.67 13.39 2.19
N GLY A 69 -9.93 13.80 2.09
CA GLY A 69 -10.99 13.11 2.81
C GLY A 69 -11.37 11.82 2.12
N VAL A 70 -10.92 10.68 2.65
CA VAL A 70 -11.15 9.41 2.00
C VAL A 70 -11.98 8.50 2.91
N PRO A 71 -13.26 8.26 2.59
CA PRO A 71 -14.03 7.26 3.35
C PRO A 71 -13.63 5.86 2.92
N ASP A 72 -13.78 4.91 3.85
CA ASP A 72 -13.49 3.54 3.48
C ASP A 72 -14.63 2.91 2.69
N ASN A 73 -15.88 3.30 2.93
CA ASN A 73 -16.99 2.77 2.16
C ASN A 73 -17.40 3.80 1.11
N LEU A 74 -17.07 3.52 -0.14
CA LEU A 74 -17.35 4.43 -1.24
C LEU A 74 -18.84 4.52 -1.51
N SER A 75 -19.54 3.39 -1.44
CA SER A 75 -20.97 3.36 -1.77
C SER A 75 -21.78 4.22 -0.80
N MET A 76 -21.31 4.37 0.44
CA MET A 76 -22.01 5.21 1.40
C MET A 76 -21.71 6.69 1.21
N ALA A 77 -20.79 7.04 0.30
CA ALA A 77 -20.50 8.44 0.01
C ALA A 77 -21.48 9.05 -0.98
N ASP A 78 -22.42 8.26 -1.51
CA ASP A 78 -23.35 8.70 -2.53
C ASP A 78 -24.43 7.65 -2.74
N PRO A 79 -25.70 7.99 -2.52
CA PRO A 79 -26.78 7.03 -2.79
C PRO A 79 -26.72 6.42 -4.18
N ASN A 80 -26.16 7.15 -5.15
CA ASN A 80 -26.16 6.72 -6.54
C ASN A 80 -24.90 5.97 -6.94
N ILE A 81 -24.04 5.62 -5.99
CA ILE A 81 -22.96 4.68 -6.21
C ILE A 81 -23.28 3.42 -5.42
N ARG A 82 -23.36 2.29 -6.12
CA ARG A 82 -23.70 1.02 -5.49
C ARG A 82 -22.62 -0.01 -5.80
N PHE A 83 -22.11 -0.66 -4.76
CA PHE A 83 -21.21 -1.79 -4.97
C PHE A 83 -21.91 -2.87 -5.77
N LEU A 84 -21.22 -3.41 -6.77
CA LEU A 84 -21.73 -4.47 -7.62
C LEU A 84 -21.01 -5.79 -7.41
N ASP A 85 -19.69 -5.79 -7.51
CA ASP A 85 -18.92 -7.04 -7.58
C ASP A 85 -17.45 -6.69 -7.45
N LYS A 86 -16.62 -7.73 -7.40
CA LYS A 86 -15.17 -7.58 -7.44
C LYS A 86 -14.64 -8.17 -8.73
N LEU A 87 -13.56 -7.58 -9.24
CA LEU A 87 -12.84 -8.22 -10.32
C LEU A 87 -12.26 -9.55 -9.83
N PRO A 88 -11.87 -10.44 -10.75
CA PRO A 88 -10.99 -11.54 -10.34
C PRO A 88 -9.72 -10.98 -9.71
N GLN A 89 -9.26 -11.64 -8.65
CA GLN A 89 -8.16 -11.12 -7.86
C GLN A 89 -6.82 -11.28 -8.57
N GLN A 90 -5.81 -10.61 -8.01
CA GLN A 90 -4.40 -10.87 -8.29
C GLN A 90 -3.65 -11.07 -6.98
N THR A 91 -2.90 -12.16 -6.89
CA THR A 91 -2.01 -12.41 -5.78
C THR A 91 -0.56 -12.49 -6.24
N GLY A 92 0.35 -12.21 -5.32
CA GLY A 92 1.76 -12.38 -5.56
C GLY A 92 2.52 -12.46 -4.25
N ASP A 93 3.68 -13.10 -4.29
CA ASP A 93 4.57 -13.11 -3.14
C ASP A 93 5.30 -11.77 -3.06
N ARG A 94 5.16 -11.08 -1.93
CA ARG A 94 5.60 -9.70 -1.81
C ARG A 94 6.34 -9.49 -0.50
N ALA A 95 7.65 -9.29 -0.59
CA ALA A 95 8.50 -8.94 0.56
C ALA A 95 8.39 -9.97 1.68
N GLY A 96 8.30 -11.24 1.31
CA GLY A 96 8.22 -12.32 2.27
C GLY A 96 6.82 -12.68 2.72
N ILE A 97 5.80 -11.97 2.24
CA ILE A 97 4.42 -12.33 2.50
C ILE A 97 3.95 -13.17 1.32
N LYS A 98 3.73 -14.46 1.56
CA LYS A 98 3.25 -15.33 0.50
C LYS A 98 1.81 -14.98 0.14
N ASP A 99 1.54 -14.87 -1.17
CA ASP A 99 0.19 -14.60 -1.70
C ASP A 99 -0.46 -13.38 -1.05
N ARG A 100 0.23 -12.25 -1.12
CA ARG A 100 -0.43 -10.98 -0.85
C ARG A 100 -1.44 -10.67 -1.95
N VAL A 101 -2.62 -10.21 -1.55
CA VAL A 101 -3.77 -10.13 -2.44
C VAL A 101 -3.94 -8.69 -2.95
N TYR A 102 -4.15 -8.54 -4.26
CA TYR A 102 -4.63 -7.29 -4.85
C TYR A 102 -6.01 -7.51 -5.48
N SER A 103 -6.99 -6.76 -4.98
CA SER A 103 -8.38 -6.86 -5.39
C SER A 103 -8.91 -5.49 -5.79
N ASN A 104 -9.90 -5.46 -6.69
CA ASN A 104 -10.53 -4.21 -7.09
C ASN A 104 -12.03 -4.39 -7.20
N SER A 105 -12.75 -3.30 -6.92
CA SER A 105 -14.20 -3.32 -6.76
C SER A 105 -14.88 -2.58 -7.92
N ILE A 106 -16.02 -3.12 -8.34
CA ILE A 106 -16.82 -2.60 -9.45
C ILE A 106 -18.07 -1.96 -8.86
N TYR A 107 -18.41 -0.77 -9.37
CA TYR A 107 -19.55 -0.02 -8.89
C TYR A 107 -20.48 0.32 -10.05
N GLU A 108 -21.78 0.40 -9.75
CA GLU A 108 -22.72 0.97 -10.70
C GLU A 108 -22.95 2.42 -10.29
N LEU A 109 -23.05 3.29 -11.29
CA LEU A 109 -23.32 4.71 -11.09
C LEU A 109 -24.74 5.00 -11.54
N LEU A 110 -25.56 5.50 -10.62
CA LEU A 110 -26.97 5.70 -10.89
C LEU A 110 -27.28 7.16 -11.19
N GLU A 111 -28.27 7.37 -12.05
CA GLU A 111 -28.69 8.73 -12.43
C GLU A 111 -30.16 8.66 -12.83
N ASN A 112 -30.99 9.49 -12.20
CA ASN A 112 -32.42 9.54 -12.50
C ASN A 112 -33.02 8.13 -12.45
N GLY A 113 -32.61 7.36 -11.45
CA GLY A 113 -33.11 6.00 -11.26
C GLY A 113 -32.60 4.97 -12.24
N GLN A 114 -31.80 5.35 -13.22
CA GLN A 114 -31.29 4.43 -14.23
C GLN A 114 -29.83 4.13 -13.97
N ARG A 115 -29.32 3.08 -14.63
CA ARG A 115 -27.89 2.84 -14.58
C ARG A 115 -27.21 3.68 -15.64
N ALA A 116 -26.31 4.55 -15.18
CA ALA A 116 -25.62 5.48 -16.06
C ALA A 116 -24.18 5.08 -16.34
N GLY A 117 -23.62 4.16 -15.57
CA GLY A 117 -22.24 3.75 -15.80
C GLY A 117 -21.84 2.65 -14.85
N THR A 118 -20.77 1.95 -15.24
CA THR A 118 -20.22 0.83 -14.48
C THR A 118 -18.70 0.88 -14.60
N CYS A 119 -18.01 0.85 -13.47
CA CYS A 119 -16.57 1.07 -13.56
C CYS A 119 -15.88 0.55 -12.31
N VAL A 120 -14.58 0.31 -12.45
CA VAL A 120 -13.71 -0.01 -11.33
C VAL A 120 -13.28 1.31 -10.70
N LEU A 121 -13.56 1.49 -9.41
CA LEU A 121 -13.45 2.79 -8.77
C LEU A 121 -12.84 2.61 -7.39
N GLU A 122 -11.94 3.52 -7.01
CA GLU A 122 -11.33 3.51 -5.68
C GLU A 122 -10.63 4.84 -5.45
N TYR A 123 -10.43 5.17 -4.17
CA TYR A 123 -9.62 6.31 -3.81
C TYR A 123 -8.14 5.96 -3.88
N ALA A 124 -7.32 6.98 -4.13
CA ALA A 124 -5.87 6.85 -4.01
C ALA A 124 -5.54 6.72 -2.53
N THR A 125 -5.16 5.50 -2.11
CA THR A 125 -4.95 5.23 -0.70
C THR A 125 -3.92 6.12 -0.02
N PRO A 126 -2.82 6.56 -0.64
CA PRO A 126 -1.88 7.43 0.08
C PRO A 126 -2.47 8.77 0.53
N LEU A 127 -3.60 9.22 -0.01
CA LEU A 127 -4.21 10.44 0.52
C LEU A 127 -4.56 10.29 2.00
N GLN A 128 -4.87 9.06 2.43
CA GLN A 128 -5.13 8.86 3.86
C GLN A 128 -3.89 9.12 4.70
N THR A 129 -2.69 8.83 4.17
CA THR A 129 -1.47 9.14 4.90
C THR A 129 -1.23 10.65 4.97
N LEU A 130 -1.48 11.37 3.86
CA LEU A 130 -1.42 12.82 3.89
C LEU A 130 -2.34 13.39 4.97
N PHE A 131 -3.58 12.91 5.00
CA PHE A 131 -4.52 13.37 6.02
C PHE A 131 -4.00 13.08 7.42
N ALA A 132 -3.57 11.84 7.68
CA ALA A 132 -3.10 11.47 9.01
C ALA A 132 -1.91 12.31 9.45
N MET A 133 -0.97 12.58 8.53
CA MET A 133 0.20 13.35 8.91
C MET A 133 -0.15 14.80 9.26
N SER A 134 -1.26 15.32 8.75
CA SER A 134 -1.71 16.64 9.17
C SER A 134 -2.46 16.60 10.50
N GLN A 135 -2.74 15.40 10.99
CA GLN A 135 -3.53 15.15 12.18
C GLN A 135 -2.67 14.81 13.40
N TYR A 136 -1.50 14.20 13.18
CA TYR A 136 -0.61 13.73 14.24
C TYR A 136 0.52 14.73 14.47
N SER A 137 0.70 15.15 15.72
CA SER A 137 1.72 16.15 16.04
C SER A 137 3.13 15.63 15.77
N GLN A 138 3.36 14.32 15.88
CA GLN A 138 4.69 13.77 15.59
C GLN A 138 5.08 13.96 14.13
N ALA A 139 4.10 13.95 13.22
CA ALA A 139 4.38 14.17 11.81
C ALA A 139 4.59 15.65 11.52
N GLY A 140 3.90 16.51 12.25
CA GLY A 140 4.13 17.94 12.15
C GLY A 140 3.86 18.57 10.79
N PHE A 141 2.67 18.36 10.25
CA PHE A 141 2.23 19.06 9.07
C PHE A 141 0.91 19.76 9.33
N SER A 142 0.77 20.96 8.77
CA SER A 142 -0.44 21.73 8.89
C SER A 142 -1.45 21.31 7.83
N ARG A 143 -2.69 21.81 7.98
CA ARG A 143 -3.70 21.60 6.95
C ARG A 143 -3.27 22.21 5.63
N GLU A 144 -2.67 23.40 5.67
CA GLU A 144 -2.17 24.02 4.44
C GLU A 144 -1.07 23.18 3.82
N ASP A 145 -0.21 22.57 4.65
CA ASP A 145 0.77 21.61 4.14
C ASP A 145 0.09 20.44 3.44
N ARG A 146 -0.96 19.90 4.06
CA ARG A 146 -1.67 18.75 3.49
C ARG A 146 -2.25 19.08 2.11
N LEU A 147 -2.88 20.25 1.99
CA LEU A 147 -3.47 20.65 0.71
C LEU A 147 -2.39 20.78 -0.36
N GLU A 148 -1.25 21.37 -0.02
CA GLU A 148 -0.13 21.45 -0.95
C GLU A 148 0.40 20.06 -1.31
N GLN A 149 0.54 19.17 -0.31
CA GLN A 149 1.06 17.83 -0.59
C GLN A 149 0.11 17.07 -1.50
N ALA A 150 -1.21 17.26 -1.31
CA ALA A 150 -2.20 16.58 -2.15
C ALA A 150 -2.08 17.01 -3.60
N LYS A 151 -1.95 18.32 -3.84
CA LYS A 151 -1.76 18.80 -5.20
C LYS A 151 -0.47 18.26 -5.79
N LEU A 152 0.62 18.28 -5.02
CA LEU A 152 1.89 17.77 -5.51
C LEU A 152 1.84 16.26 -5.72
N PHE A 153 1.10 15.54 -4.89
CA PHE A 153 0.92 14.11 -5.12
C PHE A 153 0.24 13.87 -6.45
N CYS A 154 -0.82 14.62 -6.72
N CYS A 154 -0.84 14.62 -6.72
CA CYS A 154 -1.56 14.44 -7.97
CA CYS A 154 -1.58 14.46 -7.97
C CYS A 154 -0.69 14.74 -9.18
C CYS A 154 -0.69 14.73 -9.17
N ARG A 155 0.06 15.84 -9.13
CA ARG A 155 0.89 16.23 -10.27
C ARG A 155 2.03 15.24 -10.47
N THR A 156 2.66 14.78 -9.39
CA THR A 156 3.69 13.76 -9.53
C THR A 156 3.12 12.48 -10.13
N LEU A 157 1.94 12.05 -9.65
CA LEU A 157 1.33 10.82 -10.16
C LEU A 157 1.00 10.95 -11.63
N GLU A 158 0.47 12.10 -12.05
CA GLU A 158 0.20 12.34 -13.46
C GLU A 158 1.48 12.31 -14.28
N ASP A 159 2.55 12.93 -13.78
CA ASP A 159 3.83 12.90 -14.48
C ASP A 159 4.37 11.48 -14.62
N ILE A 160 4.28 10.69 -13.56
CA ILE A 160 4.75 9.30 -13.61
C ILE A 160 3.94 8.50 -14.62
N LEU A 161 2.61 8.58 -14.54
CA LEU A 161 1.76 7.77 -15.40
C LEU A 161 1.86 8.19 -16.86
N ALA A 162 2.18 9.46 -17.12
CA ALA A 162 2.32 9.92 -18.50
C ALA A 162 3.51 9.26 -19.18
N ASP A 163 4.53 8.90 -18.41
CA ASP A 163 5.71 8.23 -18.94
C ASP A 163 5.72 6.73 -18.70
N ALA A 164 4.71 6.19 -18.05
CA ALA A 164 4.79 4.81 -17.55
C ALA A 164 4.35 3.83 -18.63
N PRO A 165 5.14 2.79 -18.90
CA PRO A 165 4.74 1.82 -19.93
C PRO A 165 3.50 1.04 -19.55
N GLU A 166 3.26 0.84 -18.25
CA GLU A 166 2.12 0.07 -17.79
C GLU A 166 0.79 0.82 -17.94
N SER A 167 0.83 2.12 -18.20
CA SER A 167 -0.37 2.93 -18.36
C SER A 167 -0.60 3.16 -19.85
N GLN A 168 -1.55 2.45 -20.42
CA GLN A 168 -1.91 2.60 -21.84
C GLN A 168 -3.42 2.64 -21.90
N ASN A 169 -3.98 3.85 -21.72
CA ASN A 169 -5.43 4.06 -21.71
C ASN A 169 -6.13 3.05 -20.81
N ASN A 170 -5.59 2.89 -19.59
CA ASN A 170 -6.14 1.97 -18.61
C ASN A 170 -6.24 2.58 -17.21
N CYS A 171 -6.01 3.89 -17.10
CA CYS A 171 -6.02 4.56 -15.80
C CYS A 171 -6.49 5.99 -16.00
N ARG A 172 -7.33 6.49 -15.10
CA ARG A 172 -7.79 7.88 -15.17
C ARG A 172 -7.86 8.44 -13.76
N LEU A 173 -7.18 9.55 -13.54
CA LEU A 173 -7.22 10.25 -12.26
C LEU A 173 -8.40 11.21 -12.26
N ILE A 174 -9.15 11.22 -11.15
CA ILE A 174 -10.29 12.12 -10.99
C ILE A 174 -10.00 12.99 -9.77
N ALA A 175 -9.49 14.20 -10.02
CA ALA A 175 -9.17 15.14 -8.95
C ALA A 175 -10.26 16.20 -8.84
N TYR A 176 -10.68 16.48 -7.61
CA TYR A 176 -11.81 17.38 -7.36
C TYR A 176 -11.70 17.98 -5.98
N GLN A 177 -12.37 19.13 -5.82
CA GLN A 177 -12.57 19.76 -4.54
C GLN A 177 -13.96 19.40 -4.04
N GLU A 178 -14.07 19.19 -2.74
CA GLU A 178 -15.35 18.77 -2.18
C GLU A 178 -15.49 19.27 -0.74
N PRO A 179 -16.47 20.15 -0.46
CA PRO A 179 -16.60 20.75 0.87
C PRO A 179 -16.93 19.71 1.94
N ASP A 182 -21.01 21.35 2.85
CA ASP A 182 -22.36 21.04 2.38
C ASP A 182 -22.35 19.88 1.40
N SER A 183 -23.38 19.06 1.45
CA SER A 183 -23.47 17.86 0.61
C SER A 183 -24.41 18.10 -0.57
N SER A 184 -24.14 19.19 -1.31
CA SER A 184 -24.68 19.32 -2.66
C SER A 184 -23.94 18.44 -3.66
N PHE A 185 -22.69 18.09 -3.35
CA PHE A 185 -21.81 17.40 -4.28
C PHE A 185 -22.24 15.96 -4.51
N SER A 186 -22.26 15.56 -5.79
CA SER A 186 -22.55 14.18 -6.20
C SER A 186 -21.28 13.57 -6.77
N LEU A 187 -20.73 12.57 -6.07
CA LEU A 187 -19.53 11.89 -6.56
C LEU A 187 -19.81 11.09 -7.83
N SER A 188 -20.97 10.43 -7.90
CA SER A 188 -21.32 9.71 -9.12
C SER A 188 -21.34 10.66 -10.31
N GLN A 189 -21.86 11.88 -10.12
CA GLN A 189 -21.89 12.83 -11.22
C GLN A 189 -20.47 13.21 -11.65
N GLU A 190 -19.57 13.39 -10.69
CA GLU A 190 -18.17 13.64 -11.00
C GLU A 190 -17.59 12.51 -11.84
N VAL A 191 -17.82 11.27 -11.43
CA VAL A 191 -17.25 10.14 -12.17
C VAL A 191 -17.93 10.02 -13.53
N LEU A 192 -19.27 10.15 -13.57
CA LEU A 192 -19.99 9.98 -14.83
C LEU A 192 -19.53 10.99 -15.89
N ARG A 193 -19.13 12.18 -15.46
CA ARG A 193 -18.66 13.18 -16.43
C ARG A 193 -17.40 12.70 -17.13
N HIS A 194 -16.44 12.19 -16.37
CA HIS A 194 -15.24 11.61 -16.97
C HIS A 194 -15.57 10.38 -17.80
N LEU A 195 -16.44 9.51 -17.26
CA LEU A 195 -16.80 8.29 -18.00
C LEU A 195 -17.41 8.63 -19.35
N ARG A 196 -18.34 9.58 -19.37
CA ARG A 196 -19.02 9.95 -20.61
C ARG A 196 -18.06 10.59 -21.59
N GLN A 197 -17.08 11.35 -21.07
CA GLN A 197 -16.07 11.94 -21.94
C GLN A 197 -15.24 10.88 -22.65
N GLU A 198 -15.13 9.69 -22.05
CA GLU A 198 -14.36 8.62 -22.69
C GLU A 198 -15.15 8.00 -23.84
N GLU A 199 -16.41 7.65 -23.58
CA GLU A 199 -17.29 7.16 -24.64
C GLU A 199 -17.71 8.34 -25.53
N PHE B 15 9.45 16.00 6.35
CA PHE B 15 10.62 16.67 5.81
C PHE B 15 11.13 16.07 4.50
N ASN B 16 11.15 14.72 4.39
CA ASN B 16 11.71 14.08 3.22
C ASN B 16 10.91 12.83 2.85
N VAL B 17 11.42 12.11 1.84
CA VAL B 17 10.72 10.95 1.29
C VAL B 17 10.42 9.93 2.39
N ALA B 18 11.43 9.62 3.22
CA ALA B 18 11.30 8.53 4.18
C ALA B 18 10.20 8.81 5.20
N HIS B 19 9.97 10.08 5.53
N HIS B 19 9.98 10.09 5.52
CA HIS B 19 8.94 10.43 6.50
CA HIS B 19 8.96 10.49 6.48
C HIS B 19 7.57 10.00 6.03
C HIS B 19 7.58 10.03 6.03
N GLY B 20 7.24 10.29 4.77
CA GLY B 20 5.95 9.86 4.26
C GLY B 20 5.83 8.36 4.19
N LEU B 21 6.91 7.69 3.81
CA LEU B 21 6.90 6.22 3.71
C LEU B 21 6.68 5.59 5.09
N ALA B 22 7.38 6.09 6.11
CA ALA B 22 7.22 5.53 7.45
C ALA B 22 5.82 5.78 8.00
N TRP B 23 5.30 6.99 7.80
CA TRP B 23 3.93 7.24 8.23
C TRP B 23 2.93 6.39 7.46
N SER B 24 3.14 6.19 6.16
CA SER B 24 2.18 5.36 5.43
C SER B 24 2.21 3.92 5.92
N TYR B 25 3.39 3.42 6.29
CA TYR B 25 3.51 2.05 6.78
C TYR B 25 2.78 1.88 8.11
N TYR B 26 2.84 2.89 8.97
CA TYR B 26 2.08 2.85 10.23
C TYR B 26 0.60 3.05 9.97
N ILE B 27 0.23 4.12 9.26
CA ILE B 27 -1.18 4.45 9.02
C ILE B 27 -1.88 3.34 8.25
N GLY B 28 -1.30 2.94 7.12
CA GLY B 28 -2.01 2.01 6.27
C GLY B 28 -1.84 0.55 6.59
N TYR B 29 -1.04 0.19 7.60
CA TYR B 29 -0.78 -1.23 7.82
C TYR B 29 -0.59 -1.60 9.29
N LEU B 30 0.49 -1.13 9.91
CA LEU B 30 0.80 -1.59 11.25
C LEU B 30 -0.30 -1.25 12.24
N ARG B 31 -0.82 -0.02 12.19
CA ARG B 31 -1.87 0.34 13.15
C ARG B 31 -3.14 -0.47 12.92
N LEU B 32 -3.29 -1.08 11.74
CA LEU B 32 -4.48 -1.89 11.48
C LEU B 32 -4.28 -3.37 11.79
N ILE B 33 -3.10 -3.94 11.56
CA ILE B 33 -2.95 -5.38 11.76
C ILE B 33 -2.45 -5.72 13.16
N LEU B 34 -1.64 -4.87 13.79
CA LEU B 34 -1.01 -5.18 15.06
C LEU B 34 -2.05 -5.38 16.18
N PRO B 35 -3.12 -4.59 16.26
CA PRO B 35 -4.14 -4.87 17.28
C PRO B 35 -4.79 -6.23 17.14
N GLU B 36 -4.90 -6.77 15.93
CA GLU B 36 -5.59 -8.03 15.69
C GLU B 36 -4.66 -9.23 15.67
N LEU B 37 -3.35 -9.02 15.79
CA LEU B 37 -2.38 -10.06 15.44
C LEU B 37 -2.41 -11.21 16.45
N GLN B 38 -2.38 -10.90 17.75
CA GLN B 38 -2.35 -11.95 18.75
C GLN B 38 -3.59 -12.83 18.67
N ALA B 39 -4.72 -12.25 18.29
CA ALA B 39 -5.94 -13.04 18.14
C ALA B 39 -5.85 -13.96 16.93
N ARG B 40 -5.15 -13.52 15.88
CA ARG B 40 -5.01 -14.34 14.68
C ARG B 40 -4.04 -15.49 14.93
N ILE B 41 -3.04 -15.26 15.78
CA ILE B 41 -2.07 -16.28 16.13
C ILE B 41 -2.72 -17.34 17.00
N ARG B 42 -3.63 -16.92 17.88
CA ARG B 42 -4.40 -17.87 18.68
C ARG B 42 -5.26 -18.75 17.79
N THR B 43 -6.08 -18.12 16.93
CA THR B 43 -6.87 -18.88 15.95
C THR B 43 -6.01 -19.88 15.20
N TYR B 44 -4.73 -19.56 15.03
CA TYR B 44 -3.81 -20.51 14.40
C TYR B 44 -3.35 -21.57 15.38
N ASN B 45 -2.87 -21.15 16.55
CA ASN B 45 -2.34 -22.04 17.57
C ASN B 45 -3.46 -22.85 18.22
N SER B 57 6.24 -17.65 18.22
CA SER B 57 6.32 -16.39 18.94
C SER B 57 5.13 -15.48 18.62
N GLN B 58 4.80 -14.60 19.55
CA GLN B 58 3.57 -13.84 19.47
C GLN B 58 3.68 -12.52 18.69
N ARG B 59 4.88 -12.11 18.31
CA ARG B 59 5.08 -10.80 17.70
C ARG B 59 5.40 -10.89 16.21
N LEU B 60 5.10 -9.80 15.51
CA LEU B 60 5.47 -9.66 14.10
C LEU B 60 6.92 -9.17 14.03
N TYR B 61 7.79 -9.98 13.42
CA TYR B 61 9.18 -9.57 13.23
C TYR B 61 9.30 -8.93 11.85
N ILE B 62 9.76 -7.68 11.84
CA ILE B 62 9.89 -6.89 10.62
C ILE B 62 11.37 -6.62 10.37
N LEU B 63 11.85 -7.09 9.22
CA LEU B 63 13.25 -6.94 8.81
C LEU B 63 13.42 -5.62 8.09
N LEU B 64 14.47 -4.88 8.45
CA LEU B 64 14.76 -3.55 7.93
C LEU B 64 16.16 -3.52 7.34
N PRO B 65 16.40 -4.17 6.20
CA PRO B 65 17.74 -4.12 5.58
C PRO B 65 18.02 -2.72 5.06
N LEU B 66 19.10 -2.10 5.57
CA LEU B 66 19.44 -0.73 5.21
C LEU B 66 19.86 -0.59 3.76
N ASP B 67 20.35 -1.66 3.13
CA ASP B 67 20.67 -1.58 1.70
C ASP B 67 19.45 -1.66 0.80
N CYS B 68 18.26 -1.84 1.39
CA CYS B 68 16.99 -1.92 0.67
C CYS B 68 16.92 -3.12 -0.26
N GLY B 69 17.76 -4.13 -0.02
CA GLY B 69 17.65 -5.39 -0.73
C GLY B 69 16.55 -6.25 -0.14
N VAL B 70 15.39 -6.28 -0.79
CA VAL B 70 14.21 -6.94 -0.23
C VAL B 70 13.72 -8.01 -1.19
N PRO B 71 14.15 -9.26 -1.06
CA PRO B 71 13.60 -10.32 -1.92
C PRO B 71 12.17 -10.64 -1.54
N ASP B 72 11.36 -10.92 -2.55
CA ASP B 72 9.96 -11.26 -2.29
C ASP B 72 9.85 -12.62 -1.60
N ASN B 73 10.79 -13.53 -1.88
CA ASN B 73 10.86 -14.85 -1.25
C ASN B 73 11.96 -14.86 -0.19
N LEU B 74 11.58 -15.04 1.07
CA LEU B 74 12.57 -14.97 2.15
C LEU B 74 13.60 -16.09 2.06
N SER B 75 13.22 -17.26 1.53
CA SER B 75 14.19 -18.34 1.37
C SER B 75 15.29 -17.98 0.37
N MET B 76 15.08 -16.94 -0.45
CA MET B 76 16.14 -16.44 -1.32
C MET B 76 17.20 -15.69 -0.52
N ALA B 77 16.81 -15.04 0.58
CA ALA B 77 17.80 -14.37 1.41
C ALA B 77 18.63 -15.38 2.19
N ASP B 78 18.01 -16.46 2.66
CA ASP B 78 18.65 -17.48 3.48
C ASP B 78 17.87 -18.78 3.35
N PRO B 79 18.46 -19.84 2.80
CA PRO B 79 17.71 -21.09 2.62
C PRO B 79 17.28 -21.73 3.93
N ASN B 80 17.89 -21.34 5.04
CA ASN B 80 17.49 -21.80 6.37
C ASN B 80 16.23 -21.11 6.88
N ILE B 81 15.67 -20.17 6.13
CA ILE B 81 14.38 -19.58 6.42
C ILE B 81 13.39 -20.19 5.44
N ARG B 82 12.42 -20.97 5.95
CA ARG B 82 11.52 -21.71 5.07
C ARG B 82 10.07 -21.43 5.41
N PHE B 83 9.28 -21.14 4.38
CA PHE B 83 7.86 -20.88 4.57
C PHE B 83 7.18 -22.08 5.20
N LEU B 84 6.33 -21.82 6.20
CA LEU B 84 5.61 -22.87 6.90
C LEU B 84 4.11 -22.82 6.62
N ASP B 85 3.49 -21.66 6.77
CA ASP B 85 2.04 -21.53 6.71
C ASP B 85 1.69 -20.06 6.63
N LYS B 86 0.49 -19.78 6.15
CA LYS B 86 -0.08 -18.45 6.24
C LYS B 86 -0.88 -18.33 7.52
N LEU B 87 -0.87 -17.14 8.11
CA LEU B 87 -1.73 -16.86 9.23
C LEU B 87 -3.16 -16.72 8.70
N PRO B 88 -4.18 -16.84 9.55
CA PRO B 88 -5.54 -16.55 9.09
C PRO B 88 -5.64 -15.12 8.58
N GLN B 89 -6.13 -14.97 7.35
CA GLN B 89 -6.04 -13.67 6.67
C GLN B 89 -7.00 -12.67 7.29
N GLN B 90 -6.67 -11.39 7.12
CA GLN B 90 -7.44 -10.27 7.65
C GLN B 90 -7.89 -9.39 6.48
N THR B 91 -9.18 -9.05 6.45
CA THR B 91 -9.74 -8.27 5.36
C THR B 91 -10.48 -7.06 5.90
N GLY B 92 -10.40 -5.96 5.17
CA GLY B 92 -11.15 -4.76 5.52
C GLY B 92 -11.52 -3.98 4.27
N ASP B 93 -12.61 -3.22 4.39
CA ASP B 93 -12.94 -2.23 3.37
C ASP B 93 -12.05 -1.01 3.54
N ARG B 94 -11.41 -0.57 2.46
CA ARG B 94 -10.48 0.56 2.60
C ARG B 94 -10.34 1.30 1.27
N ALA B 95 -10.58 2.61 1.34
CA ALA B 95 -10.42 3.51 0.19
C ALA B 95 -11.29 3.08 -0.99
N GLY B 96 -12.45 2.48 -0.72
CA GLY B 96 -13.32 2.08 -1.79
C GLY B 96 -13.07 0.70 -2.36
N ILE B 97 -12.12 -0.06 -1.80
CA ILE B 97 -11.93 -1.45 -2.19
C ILE B 97 -12.57 -2.32 -1.10
N LYS B 98 -13.61 -3.05 -1.49
CA LYS B 98 -14.27 -3.97 -0.58
C LYS B 98 -13.35 -5.14 -0.27
N ASP B 99 -13.12 -5.40 1.01
CA ASP B 99 -12.33 -6.53 1.49
C ASP B 99 -10.97 -6.60 0.81
N ARG B 100 -10.15 -5.60 1.12
CA ARG B 100 -8.74 -5.72 0.79
C ARG B 100 -8.08 -6.61 1.82
N VAL B 101 -7.16 -7.45 1.37
CA VAL B 101 -6.69 -8.59 2.16
C VAL B 101 -5.34 -8.25 2.77
N TYR B 102 -5.21 -8.52 4.08
CA TYR B 102 -3.94 -8.47 4.79
C TYR B 102 -3.58 -9.87 5.26
N SER B 103 -2.51 -10.41 4.71
CA SER B 103 -2.02 -11.74 4.99
C SER B 103 -0.62 -11.65 5.59
N ASN B 104 -0.25 -12.63 6.41
CA ASN B 104 1.10 -12.72 6.95
C ASN B 104 1.55 -14.17 6.92
N SER B 105 2.87 -14.36 6.92
CA SER B 105 3.46 -15.67 6.64
C SER B 105 4.26 -16.13 7.84
N ILE B 106 4.10 -17.41 8.19
CA ILE B 106 4.84 -18.02 9.28
C ILE B 106 6.01 -18.80 8.71
N TYR B 107 7.19 -18.61 9.30
CA TYR B 107 8.41 -19.21 8.81
C TYR B 107 9.03 -20.05 9.91
N GLU B 108 9.73 -21.10 9.49
CA GLU B 108 10.61 -21.82 10.39
C GLU B 108 12.05 -21.42 10.08
N LEU B 109 12.88 -21.44 11.11
CA LEU B 109 14.30 -21.09 11.00
C LEU B 109 15.12 -22.33 11.34
N LEU B 110 15.95 -22.75 10.39
CA LEU B 110 16.70 -23.99 10.54
C LEU B 110 18.08 -23.73 11.13
N GLU B 111 18.53 -24.70 11.93
CA GLU B 111 19.89 -24.80 12.43
C GLU B 111 20.33 -26.24 12.22
N ASN B 112 21.35 -26.46 11.39
CA ASN B 112 21.82 -27.82 11.06
C ASN B 112 20.66 -28.68 10.52
N GLY B 113 19.87 -28.10 9.63
CA GLY B 113 18.80 -28.85 9.00
C GLY B 113 17.61 -29.17 9.88
N GLN B 114 17.56 -28.64 11.09
CA GLN B 114 16.52 -28.92 12.06
C GLN B 114 15.90 -27.61 12.52
N ARG B 115 14.59 -27.62 12.73
CA ARG B 115 13.88 -26.40 13.12
C ARG B 115 14.33 -25.92 14.49
N ALA B 116 14.82 -24.68 14.55
CA ALA B 116 15.23 -24.05 15.80
C ALA B 116 14.23 -23.00 16.29
N GLY B 117 13.34 -22.54 15.42
CA GLY B 117 12.32 -21.59 15.84
C GLY B 117 11.35 -21.33 14.71
N THR B 118 10.24 -20.68 15.07
CA THR B 118 9.19 -20.30 14.14
C THR B 118 8.65 -18.93 14.53
N CYS B 119 8.27 -18.13 13.53
CA CYS B 119 7.78 -16.79 13.81
C CYS B 119 7.09 -16.22 12.56
N VAL B 120 6.27 -15.21 12.79
CA VAL B 120 5.70 -14.42 11.71
C VAL B 120 6.75 -13.40 11.30
N LEU B 121 7.17 -13.45 10.03
CA LEU B 121 8.36 -12.73 9.58
C LEU B 121 8.10 -12.09 8.23
N GLU B 122 8.58 -10.86 8.06
CA GLU B 122 8.48 -10.20 6.75
C GLU B 122 9.43 -9.01 6.70
N TYR B 123 9.68 -8.55 5.48
CA TYR B 123 10.41 -7.31 5.27
C TYR B 123 9.45 -6.12 5.30
N ALA B 124 9.99 -4.96 5.65
CA ALA B 124 9.23 -3.72 5.55
C ALA B 124 9.13 -3.34 4.08
N THR B 125 7.95 -3.55 3.50
CA THR B 125 7.77 -3.29 2.07
C THR B 125 8.21 -1.91 1.59
N PRO B 126 8.04 -0.81 2.34
CA PRO B 126 8.48 0.48 1.79
C PRO B 126 9.96 0.56 1.45
N LEU B 127 10.80 -0.32 1.98
CA LEU B 127 12.20 -0.30 1.58
C LEU B 127 12.37 -0.61 0.09
N GLN B 128 11.39 -1.33 -0.50
CA GLN B 128 11.38 -1.55 -1.95
C GLN B 128 11.05 -0.28 -2.74
N THR B 129 10.22 0.60 -2.18
CA THR B 129 9.99 1.88 -2.84
C THR B 129 11.28 2.68 -2.89
N LEU B 130 12.03 2.72 -1.79
CA LEU B 130 13.32 3.41 -1.82
C LEU B 130 14.23 2.79 -2.86
N PHE B 131 14.27 1.45 -2.92
CA PHE B 131 15.16 0.80 -3.87
C PHE B 131 14.76 1.12 -5.31
N ALA B 132 13.46 1.02 -5.62
CA ALA B 132 13.03 1.26 -6.99
C ALA B 132 13.15 2.73 -7.39
N MET B 133 12.95 3.65 -6.44
CA MET B 133 13.15 5.06 -6.70
C MET B 133 14.58 5.36 -7.10
N SER B 134 15.54 4.65 -6.47
CA SER B 134 16.93 4.85 -6.84
C SER B 134 17.23 4.26 -8.20
N GLN B 135 16.32 3.45 -8.75
CA GLN B 135 16.52 2.81 -10.04
C GLN B 135 15.81 3.54 -11.18
N TYR B 136 14.78 4.34 -10.90
CA TYR B 136 14.05 5.09 -11.92
C TYR B 136 14.63 6.51 -12.05
N SER B 137 15.07 6.86 -13.26
CA SER B 137 15.65 8.19 -13.49
C SER B 137 14.71 9.31 -13.07
N GLN B 138 13.42 9.17 -13.40
CA GLN B 138 12.47 10.25 -13.14
C GLN B 138 12.31 10.53 -11.65
N ALA B 139 12.72 9.61 -10.78
CA ALA B 139 12.62 9.84 -9.35
C ALA B 139 13.72 10.75 -8.83
N GLY B 140 14.78 10.98 -9.59
CA GLY B 140 15.81 11.94 -9.19
C GLY B 140 16.50 11.60 -7.90
N PHE B 141 16.84 10.33 -7.71
CA PHE B 141 17.09 9.74 -6.39
C PHE B 141 18.31 8.84 -6.52
N SER B 142 19.41 9.23 -5.86
CA SER B 142 20.67 8.52 -6.00
C SER B 142 20.76 7.35 -5.01
N ARG B 143 21.85 6.58 -5.14
CA ARG B 143 22.08 5.49 -4.20
C ARG B 143 22.39 6.03 -2.81
N GLU B 144 23.15 7.13 -2.73
CA GLU B 144 23.40 7.78 -1.44
C GLU B 144 22.10 8.24 -0.81
N ASP B 145 21.21 8.85 -1.62
CA ASP B 145 19.87 9.19 -1.15
C ASP B 145 19.17 7.95 -0.59
N ARG B 146 19.29 6.82 -1.29
CA ARG B 146 18.59 5.62 -0.89
C ARG B 146 19.03 5.15 0.50
N LEU B 147 20.35 5.11 0.73
CA LEU B 147 20.83 4.67 2.04
C LEU B 147 20.43 5.66 3.13
N GLU B 148 20.52 6.95 2.85
CA GLU B 148 20.14 7.96 3.84
C GLU B 148 18.65 7.90 4.12
N GLN B 149 17.84 7.69 3.09
CA GLN B 149 16.40 7.65 3.31
C GLN B 149 15.99 6.34 3.99
N ALA B 150 16.70 5.25 3.74
CA ALA B 150 16.43 4.01 4.47
C ALA B 150 16.67 4.19 5.97
N LYS B 151 17.75 4.87 6.35
CA LYS B 151 17.99 5.13 7.77
C LYS B 151 16.90 6.02 8.35
N LEU B 152 16.55 7.10 7.64
CA LEU B 152 15.50 7.99 8.12
C LEU B 152 14.16 7.25 8.21
N PHE B 153 13.92 6.32 7.29
CA PHE B 153 12.71 5.49 7.38
C PHE B 153 12.71 4.69 8.68
N CYS B 154 13.82 4.01 9.00
CA CYS B 154 13.87 3.24 10.23
C CYS B 154 13.70 4.13 11.45
N ARG B 155 14.42 5.26 11.50
CA ARG B 155 14.34 6.14 12.66
C ARG B 155 12.92 6.66 12.87
N THR B 156 12.28 7.12 11.79
CA THR B 156 10.91 7.63 11.89
C THR B 156 9.96 6.55 12.37
N LEU B 157 10.00 5.39 11.73
CA LEU B 157 9.11 4.29 12.12
C LEU B 157 9.33 3.90 13.58
N GLU B 158 10.59 3.79 14.00
CA GLU B 158 10.88 3.48 15.40
C GLU B 158 10.30 4.55 16.32
N ASP B 159 10.45 5.81 15.93
CA ASP B 159 9.92 6.91 16.74
C ASP B 159 8.40 6.86 16.82
N ILE B 160 7.75 6.53 15.70
CA ILE B 160 6.29 6.38 15.71
C ILE B 160 5.87 5.22 16.60
N LEU B 161 6.51 4.05 16.42
CA LEU B 161 6.08 2.87 17.15
C LEU B 161 6.36 3.00 18.64
N ALA B 162 7.40 3.73 19.01
CA ALA B 162 7.72 3.95 20.42
C ALA B 162 6.63 4.71 21.15
N ASP B 163 5.77 5.43 20.43
CA ASP B 163 4.67 6.17 21.05
C ASP B 163 3.31 5.66 20.63
N ALA B 164 3.24 4.60 19.82
CA ALA B 164 1.97 4.20 19.22
C ALA B 164 1.21 3.27 20.16
N PRO B 165 -0.09 3.53 20.40
CA PRO B 165 -0.85 2.67 21.31
C PRO B 165 -1.08 1.26 20.77
N GLU B 166 -1.05 1.07 19.45
CA GLU B 166 -1.30 -0.26 18.89
C GLU B 166 -0.14 -1.21 19.15
N SER B 167 1.10 -0.73 19.08
CA SER B 167 2.25 -1.59 19.31
C SER B 167 2.27 -2.10 20.75
N ASN B 169 3.53 -4.45 22.86
CA ASN B 169 4.64 -5.34 22.55
C ASN B 169 4.22 -6.35 21.49
N ASN B 170 3.87 -5.82 20.32
CA ASN B 170 3.25 -6.58 19.23
C ASN B 170 4.18 -6.83 18.06
N CYS B 171 5.32 -6.15 18.00
CA CYS B 171 6.21 -6.33 16.87
C CYS B 171 7.62 -6.02 17.31
N ARG B 172 8.58 -6.53 16.54
CA ARG B 172 9.98 -6.28 16.80
C ARG B 172 10.64 -5.92 15.47
N LEU B 173 11.32 -4.77 15.45
CA LEU B 173 12.02 -4.30 14.27
C LEU B 173 13.47 -4.75 14.34
N ILE B 174 14.01 -5.23 13.22
CA ILE B 174 15.42 -5.61 13.15
C ILE B 174 16.06 -4.86 11.99
N ALA B 175 16.82 -3.81 12.30
CA ALA B 175 17.52 -3.04 11.29
C ALA B 175 18.98 -3.50 11.21
N TYR B 176 19.46 -3.69 10.00
CA TYR B 176 20.82 -4.20 9.82
C TYR B 176 21.38 -3.78 8.47
N GLN B 177 22.71 -3.65 8.44
CA GLN B 177 23.47 -3.25 7.26
C GLN B 177 24.24 -4.47 6.77
N GLU B 178 23.74 -5.09 5.71
CA GLU B 178 24.37 -6.27 5.09
C GLU B 178 25.85 -6.05 4.78
N ASP B 181 27.64 -9.82 -0.14
CA ASP B 181 29.10 -9.92 -0.18
C ASP B 181 29.66 -10.51 1.12
N ASP B 182 28.87 -10.46 2.19
CA ASP B 182 29.35 -10.73 3.54
C ASP B 182 29.00 -12.15 3.95
N SER B 183 29.92 -13.08 3.69
CA SER B 183 29.71 -14.48 4.06
C SER B 183 29.53 -14.66 5.56
N SER B 184 29.94 -13.68 6.37
CA SER B 184 29.82 -13.79 7.81
C SER B 184 28.41 -13.55 8.33
N PHE B 185 27.45 -13.24 7.46
CA PHE B 185 26.09 -12.92 7.89
C PHE B 185 25.13 -14.08 7.61
N SER B 186 24.40 -14.48 8.64
CA SER B 186 23.31 -15.45 8.53
C SER B 186 22.03 -14.78 9.03
N LEU B 187 21.10 -14.51 8.10
CA LEU B 187 19.86 -13.85 8.50
C LEU B 187 19.06 -14.74 9.45
N SER B 188 19.04 -16.05 9.18
CA SER B 188 18.32 -16.97 10.06
C SER B 188 18.91 -16.98 11.47
N GLN B 189 20.24 -17.04 11.57
CA GLN B 189 20.87 -16.95 12.89
C GLN B 189 20.52 -15.64 13.59
N GLU B 190 20.46 -14.54 12.85
CA GLU B 190 20.17 -13.26 13.49
C GLU B 190 18.74 -13.23 14.04
N VAL B 191 17.76 -13.68 13.25
CA VAL B 191 16.41 -13.77 13.77
C VAL B 191 16.37 -14.70 14.99
N LEU B 192 17.08 -15.83 14.91
CA LEU B 192 17.12 -16.76 16.04
C LEU B 192 17.68 -16.11 17.29
N ARG B 193 18.75 -15.31 17.15
CA ARG B 193 19.27 -14.60 18.32
C ARG B 193 18.21 -13.72 18.97
N HIS B 194 17.38 -13.05 18.15
CA HIS B 194 16.32 -12.23 18.72
C HIS B 194 15.24 -13.09 19.37
N LEU B 195 14.86 -14.19 18.72
CA LEU B 195 13.86 -15.08 19.30
C LEU B 195 14.35 -15.63 20.64
N ARG B 196 15.61 -16.07 20.69
CA ARG B 196 16.16 -16.61 21.93
C ARG B 196 16.30 -15.53 22.99
N GLN B 197 16.80 -14.34 22.59
CA GLN B 197 16.91 -13.22 23.53
C GLN B 197 15.56 -12.84 24.10
N GLU B 198 14.51 -12.86 23.27
CA GLU B 198 13.18 -12.49 23.73
C GLU B 198 12.71 -13.41 24.84
N GLU B 199 12.84 -14.74 24.63
CA GLU B 199 12.30 -15.74 25.54
C GLU B 199 12.52 -15.39 27.00
N LYS B 200 13.75 -15.05 27.35
CA LYS B 200 14.02 -14.52 28.69
C LYS B 200 13.89 -12.99 28.67
C10 KXD C . 1.27 1.62 2.94
C13 KXD C . 1.75 -1.86 3.85
C15 KXD C . -0.49 -1.97 2.82
C16 KXD C . -1.37 -2.97 2.42
C17 KXD C . -2.76 -2.60 1.78
C18 KXD C . -3.81 -3.49 1.69
C19 KXD C . -5.03 -3.09 1.14
C20 KXD C . -5.17 -1.79 0.67
C21 KXD C . -6.50 -1.30 0.04
C23 KXD C . -7.74 -1.18 2.39
C24 KXD C . -8.55 -2.11 3.03
C25 KXD C . -8.74 -2.12 4.42
C26 KXD C . -8.12 -1.16 5.20
C27 KXD C . -7.31 -0.20 4.58
C28 KXD C . -7.12 -0.18 3.20
C02 KXD C . 0.88 2.35 -0.69
C03 KXD C . 1.49 2.15 -1.97
C04 KXD C . 2.69 1.32 -1.77
C08 KXD C . 2.31 -0.48 2.10
C09 KXD C . 2.15 0.39 3.22
C29 KXD C . -6.30 0.82 2.64
C30 KXD C . -5.69 1.76 3.46
C31 KXD C . -5.88 1.75 4.83
C32 KXD C . -6.69 0.77 5.38
C33 KXD C . -4.13 -0.90 0.74
C34 KXD C . -2.91 -1.30 1.30
C35 KXD C . -0.74 -4.22 2.74
C36 KXD C . 0.48 -3.88 3.31
C38 KXD C . 1.03 -6.11 3.60
C40 KXD C . -1.02 -5.61 2.65
C42 KXD C . 2.71 -1.76 2.72
C47 KXD C . -0.65 1.14 -1.98
C49 KXD C . -0.33 -1.34 -1.84
C51 KXD C . -2.34 -1.95 -2.33
C52 KXD C . -2.27 -0.58 -2.35
C54 KXD C . -4.72 -0.35 -2.96
C57 KXD C . -3.69 -2.61 -2.64
C59 KXD C . -0.22 1.43 -0.59
N14 KXD C . 0.59 -2.54 3.34
N37 KXD C . 1.34 -4.83 3.72
N39 KXD C . -0.12 -6.49 3.07
N41 KXD C . -2.26 -6.10 2.08
N48 KXD C . -1.03 -0.24 -2.06
N50 KXD C . -1.12 -2.40 -2.01
N53 KXD C . -3.44 0.28 -2.67
N55 KXD C . -5.85 0.53 -3.28
N56 KXD C . -4.83 -1.79 -2.95
O01 KXD C . 0.33 3.71 -0.55
O05 KXD C . 2.32 0.04 -1.29
O07 KXD C . 3.44 -0.10 1.24
O11 KXD C . 0.01 1.15 2.49
O12 KXD C . 1.49 -0.47 4.22
O22 KXD C . -7.67 -1.27 0.90
O43 KXD C . 4.04 -1.68 3.22
O44 KXD C . 4.83 -0.26 -0.97
O45 KXD C . 3.38 -2.12 -0.45
O46 KXD C . 0.49 1.38 -2.84
O58 KXD C . -3.80 -3.77 -2.62
O60 KXD C . -1.23 2.14 0.13
O62 KXD C . -2.52 1.89 2.43
O63 KXD C . -0.85 3.57 2.19
P06 KXD C . 3.52 -0.62 -0.37
P61 KXD C . -1.16 2.15 1.81
#